data_6SLM
#
_entry.id   6SLM
#
_cell.length_a   113.640
_cell.length_b   113.640
_cell.length_c   185.970
_cell.angle_alpha   90.000
_cell.angle_beta   90.000
_cell.angle_gamma   120.000
#
_symmetry.space_group_name_H-M   'P 61 2 2'
#
loop_
_entity.id
_entity.type
_entity.pdbx_description
1 polymer 'Maltose/maltodextrin-binding periplasmic protein,Protein E6,Ubiquitin-protein ligase E3A'
2 branched alpha-D-glucopyranose-(1-4)-alpha-D-glucopyranose
3 non-polymer 'ZINC ION'
4 non-polymer GLYCEROL
5 water water
#
_entity_poly.entity_id   1
_entity_poly.type   'polypeptide(L)'
_entity_poly.pdbx_seq_one_letter_code
;MKIEEGKLVIWINGDKGYNGLAEVGKKFEKDTGIKVTVEHPDKLEEKFPQVAATGDGPDIIFWAHDRFGGYAQSGLLAEI
TPAAAFQDKLYPFTWDAVRYNGKLIAYPIAVEALSLIYNKDLLPNPPKTWEEIPALDKELKAKGKSALMFNLQEPYFTWP
LIAADGGYAFKYENGKYDIKDVGVDNAGAKAGLTFLVDLIKNKHMNADTDYSIAEAAFNKGETAMTINGPWAWSNIDTSA
VNYGVTVLPTFKGQPSKPFVGVLSAGINAASPNKELAKEFLENYLLTDEGLEAVNKDKPLGAVALKSYEEELAKDPRIAA
TMENAQKGEIMPNIPQMSAFWYAVRTAVINAASGRQTVDAALAAAQTNAAAMFKNPAERPRKLHELSSALEIPYDELRLN
CVYCKGQLTETEVLDFAFTDLTIVYRDDTPHGVCTKCLRFYSKVSEFRWYRYSVYGTTLEKLTNKGISDLLIRCITCQRP
LSPEEKQRHLDKKKRFHNIGGRWTGRCIACWRRPRTETQVGSSGSGSGSGSGSAAAESSELTLQELLGEER
;
_entity_poly.pdbx_strand_id   A
#
loop_
_chem_comp.id
_chem_comp.type
_chem_comp.name
_chem_comp.formula
GLC D-saccharide, alpha linking alpha-D-glucopyranose 'C6 H12 O6'
GOL non-polymer GLYCEROL 'C3 H8 O3'
ZN non-polymer 'ZINC ION' 'Zn 2'
#
# COMPACT_ATOMS: atom_id res chain seq x y z
N LYS A 2 13.77 12.22 -5.99
CA LYS A 2 14.50 13.30 -5.35
C LYS A 2 14.36 13.25 -3.84
N ILE A 3 15.36 12.69 -3.17
CA ILE A 3 15.41 12.60 -1.72
C ILE A 3 16.61 13.38 -1.23
N GLU A 4 16.41 14.15 -0.16
CA GLU A 4 17.46 15.02 0.36
C GLU A 4 18.60 14.19 0.95
N GLU A 5 19.78 14.82 1.01
CA GLU A 5 20.96 14.22 1.61
C GLU A 5 21.14 14.75 3.03
N GLY A 6 21.75 13.93 3.88
CA GLY A 6 21.89 14.29 5.28
C GLY A 6 20.58 14.38 6.01
N LYS A 7 19.57 13.62 5.59
CA LYS A 7 18.23 13.71 6.16
C LYS A 7 17.51 12.39 5.87
N LEU A 8 16.82 11.88 6.87
CA LEU A 8 16.07 10.63 6.75
C LEU A 8 14.60 10.89 7.00
N VAL A 9 13.76 10.52 6.03
CA VAL A 9 12.31 10.62 6.15
C VAL A 9 11.75 9.23 6.37
N ILE A 10 10.88 9.09 7.37
CA ILE A 10 10.34 7.80 7.78
C ILE A 10 8.84 7.79 7.55
N TRP A 11 8.34 6.70 6.99
CA TRP A 11 6.90 6.49 6.80
C TRP A 11 6.46 5.27 7.60
N ILE A 12 5.33 5.41 8.31
CA ILE A 12 4.77 4.35 9.13
C ILE A 12 3.26 4.48 9.08
N ASN A 13 2.56 3.42 9.47
CA ASN A 13 1.10 3.45 9.50
C ASN A 13 0.62 4.30 10.66
N GLY A 14 -0.46 5.06 10.42
CA GLY A 14 -0.93 6.03 11.40
C GLY A 14 -1.40 5.45 12.70
N ASP A 15 -1.67 4.15 12.74
CA ASP A 15 -2.15 3.49 13.96
C ASP A 15 -1.04 2.72 14.68
N LYS A 16 0.21 2.87 14.23
CA LYS A 16 1.31 2.06 14.82
C LYS A 16 2.17 2.86 15.78
N GLY A 17 1.70 4.02 16.24
CA GLY A 17 2.45 4.81 17.20
C GLY A 17 3.57 5.64 16.59
N TYR A 18 3.20 6.63 15.78
CA TYR A 18 4.20 7.44 15.09
C TYR A 18 4.91 8.40 16.03
N ASN A 19 4.20 8.91 17.05
CA ASN A 19 4.81 9.87 17.97
C ASN A 19 5.89 9.21 18.82
N GLY A 20 5.78 7.91 19.07
CA GLY A 20 6.83 7.22 19.80
C GLY A 20 8.10 7.08 18.99
N LEU A 21 7.96 6.77 17.70
CA LEU A 21 9.13 6.68 16.82
C LEU A 21 9.81 8.04 16.67
N ALA A 22 9.04 9.13 16.78
CA ALA A 22 9.63 10.46 16.68
C ALA A 22 10.56 10.75 17.85
N GLU A 23 10.21 10.26 19.04
CA GLU A 23 11.10 10.42 20.19
C GLU A 23 12.42 9.71 19.96
N VAL A 24 12.38 8.53 19.32
CA VAL A 24 13.61 7.84 18.95
C VAL A 24 14.38 8.64 17.91
N GLY A 25 13.67 9.36 17.03
CA GLY A 25 14.35 10.16 16.04
C GLY A 25 14.95 11.43 16.62
N LYS A 26 14.24 12.07 17.56
CA LYS A 26 14.75 13.30 18.16
C LYS A 26 16.05 13.04 18.90
N LYS A 27 16.18 11.88 19.54
CA LYS A 27 17.46 11.54 20.17
C LYS A 27 18.51 11.21 19.11
N PHE A 28 18.10 10.73 17.94
CA PHE A 28 19.05 10.50 16.86
C PHE A 28 19.55 11.81 16.29
N GLU A 29 18.69 12.83 16.24
CA GLU A 29 19.11 14.14 15.76
C GLU A 29 19.92 14.88 16.82
N LYS A 30 19.57 14.71 18.09
CA LYS A 30 20.28 15.36 19.18
C LYS A 30 21.71 14.83 19.34
N ASP A 31 22.00 13.65 18.80
CA ASP A 31 23.31 13.03 18.89
C ASP A 31 24.09 13.06 17.58
N THR A 32 23.43 12.85 16.45
CA THR A 32 24.10 12.81 15.16
C THR A 32 23.95 14.10 14.35
N GLY A 33 22.93 14.91 14.65
CA GLY A 33 22.70 16.14 13.91
C GLY A 33 21.85 15.99 12.67
N ILE A 34 21.40 14.79 12.34
CA ILE A 34 20.60 14.54 11.15
C ILE A 34 19.13 14.64 11.54
N LYS A 35 18.43 15.61 10.95
CA LYS A 35 17.00 15.79 11.21
C LYS A 35 16.23 14.65 10.57
N VAL A 36 15.72 13.74 11.39
CA VAL A 36 14.93 12.62 10.93
C VAL A 36 13.45 12.96 11.10
N THR A 37 12.71 12.96 10.00
CA THR A 37 11.29 13.30 10.00
C THR A 37 10.46 12.04 9.82
N VAL A 38 9.51 11.83 10.73
CA VAL A 38 8.62 10.67 10.70
C VAL A 38 7.23 11.15 10.29
N GLU A 39 6.68 10.53 9.25
CA GLU A 39 5.35 10.85 8.75
C GLU A 39 4.53 9.57 8.66
N HIS A 40 3.22 9.75 8.48
CA HIS A 40 2.28 8.63 8.36
C HIS A 40 1.23 8.97 7.32
N PRO A 41 1.53 8.74 6.05
CA PRO A 41 0.57 9.09 4.98
C PRO A 41 -0.60 8.13 4.96
N ASP A 42 -1.71 8.62 4.40
CA ASP A 42 -2.89 7.79 4.21
C ASP A 42 -2.63 6.74 3.13
N LYS A 43 -2.81 5.47 3.48
CA LYS A 43 -2.59 4.35 2.57
C LYS A 43 -1.16 4.36 2.02
N LEU A 44 -0.20 4.29 2.94
CA LEU A 44 1.20 4.30 2.54
C LEU A 44 1.63 2.98 1.90
N GLU A 45 0.91 1.89 2.16
CA GLU A 45 1.23 0.62 1.50
C GLU A 45 0.95 0.70 0.00
N GLU A 46 0.06 1.59 -0.43
CA GLU A 46 -0.19 1.83 -1.85
C GLU A 46 0.55 3.05 -2.37
N LYS A 47 0.82 4.04 -1.52
CA LYS A 47 1.52 5.24 -1.94
C LYS A 47 3.02 5.05 -2.03
N PHE A 48 3.59 4.07 -1.32
CA PHE A 48 5.04 3.87 -1.37
C PHE A 48 5.49 3.35 -2.72
N PRO A 49 4.96 2.23 -3.26
CA PRO A 49 5.45 1.77 -4.56
C PRO A 49 5.16 2.74 -5.70
N GLN A 50 4.10 3.54 -5.58
CA GLN A 50 3.80 4.55 -6.59
C GLN A 50 4.93 5.58 -6.70
N VAL A 51 5.43 6.04 -5.56
CA VAL A 51 6.46 7.08 -5.55
C VAL A 51 7.88 6.52 -5.44
N ALA A 52 8.04 5.24 -5.06
CA ALA A 52 9.37 4.65 -5.07
C ALA A 52 9.79 4.28 -6.49
N ALA A 53 8.83 4.02 -7.38
CA ALA A 53 9.16 3.67 -8.76
C ALA A 53 9.82 4.83 -9.48
N THR A 54 9.47 6.07 -9.12
CA THR A 54 10.08 7.25 -9.71
C THR A 54 11.31 7.72 -8.94
N GLY A 55 11.89 6.86 -8.11
CA GLY A 55 13.07 7.23 -7.35
C GLY A 55 12.83 8.18 -6.19
N ASP A 56 11.56 8.50 -5.90
CA ASP A 56 11.22 9.40 -4.82
C ASP A 56 10.76 8.59 -3.61
N GLY A 57 10.12 9.26 -2.65
CA GLY A 57 9.62 8.59 -1.48
C GLY A 57 10.51 8.78 -0.26
N PRO A 58 10.18 8.13 0.84
CA PRO A 58 10.96 8.27 2.07
C PRO A 58 12.24 7.46 2.01
N ASP A 59 13.04 7.58 3.07
CA ASP A 59 14.25 6.79 3.23
C ASP A 59 13.97 5.45 3.92
N ILE A 60 13.04 5.43 4.86
CA ILE A 60 12.67 4.22 5.61
C ILE A 60 11.17 4.01 5.46
N ILE A 61 10.78 2.78 5.12
CA ILE A 61 9.39 2.41 4.96
C ILE A 61 9.06 1.33 5.99
N PHE A 62 7.96 1.51 6.72
CA PHE A 62 7.52 0.59 7.76
C PHE A 62 6.21 -0.07 7.34
N TRP A 63 6.20 -1.39 7.33
CA TRP A 63 4.99 -2.16 7.06
C TRP A 63 5.28 -3.61 7.41
N ALA A 64 4.21 -4.43 7.41
CA ALA A 64 4.37 -5.86 7.58
C ALA A 64 5.13 -6.46 6.40
N HIS A 65 5.70 -7.64 6.63
CA HIS A 65 6.61 -8.24 5.67
C HIS A 65 5.95 -8.67 4.37
N ASP A 66 4.62 -8.82 4.36
CA ASP A 66 3.95 -9.38 3.19
C ASP A 66 4.05 -8.46 1.98
N ARG A 67 4.14 -7.15 2.19
CA ARG A 67 4.22 -6.19 1.09
C ARG A 67 5.66 -5.97 0.61
N PHE A 68 6.65 -6.35 1.40
CA PHE A 68 8.05 -6.07 1.05
C PHE A 68 8.54 -6.95 -0.09
N GLY A 69 7.89 -8.09 -0.34
CA GLY A 69 8.32 -8.93 -1.45
C GLY A 69 8.02 -8.29 -2.79
N GLY A 70 6.81 -7.75 -2.97
CA GLY A 70 6.47 -7.06 -4.19
C GLY A 70 7.22 -5.76 -4.39
N TYR A 71 7.78 -5.20 -3.33
CA TYR A 71 8.58 -3.98 -3.46
C TYR A 71 9.94 -4.28 -4.06
N ALA A 72 10.73 -5.12 -3.38
CA ALA A 72 12.07 -5.44 -3.85
C ALA A 72 12.04 -6.14 -5.20
N GLN A 73 10.97 -6.87 -5.50
CA GLN A 73 10.83 -7.47 -6.82
C GLN A 73 10.73 -6.40 -7.89
N SER A 74 10.10 -5.27 -7.57
CA SER A 74 10.05 -4.12 -8.45
C SER A 74 11.30 -3.26 -8.34
N GLY A 75 12.31 -3.71 -7.61
CA GLY A 75 13.54 -2.94 -7.46
C GLY A 75 13.39 -1.68 -6.63
N LEU A 76 12.47 -1.68 -5.66
CA LEU A 76 12.23 -0.51 -4.83
C LEU A 76 12.95 -0.56 -3.50
N LEU A 77 13.26 -1.74 -2.99
CA LEU A 77 13.93 -1.89 -1.70
C LEU A 77 15.41 -2.17 -1.91
N ALA A 78 16.25 -1.49 -1.15
CA ALA A 78 17.67 -1.80 -1.13
C ALA A 78 17.91 -3.01 -0.24
N GLU A 79 18.72 -3.95 -0.71
CA GLU A 79 19.07 -5.10 0.11
C GLU A 79 19.79 -4.65 1.36
N ILE A 80 19.71 -5.46 2.41
CA ILE A 80 20.33 -5.15 3.69
C ILE A 80 21.26 -6.28 4.07
N THR A 81 22.46 -5.93 4.52
CA THR A 81 23.46 -6.90 4.97
C THR A 81 24.06 -6.38 6.27
N PRO A 82 23.42 -6.66 7.40
CA PRO A 82 23.94 -6.18 8.69
C PRO A 82 25.19 -6.93 9.13
N ALA A 83 25.58 -6.78 10.40
CA ALA A 83 26.77 -7.42 10.91
C ALA A 83 26.51 -8.89 11.23
N ALA A 84 27.60 -9.60 11.54
CA ALA A 84 27.48 -11.01 11.91
C ALA A 84 26.96 -11.20 13.32
N ALA A 85 27.00 -10.15 14.15
CA ALA A 85 26.46 -10.21 15.50
C ALA A 85 25.11 -9.53 15.64
N PHE A 86 24.62 -8.86 14.59
CA PHE A 86 23.35 -8.15 14.68
C PHE A 86 22.16 -9.10 14.50
N GLN A 87 22.30 -10.03 13.56
CA GLN A 87 21.24 -11.02 13.25
C GLN A 87 21.01 -11.94 14.45
N ASP A 88 21.90 -11.90 15.43
CA ASP A 88 21.84 -12.81 16.57
C ASP A 88 21.01 -12.26 17.72
N LYS A 89 20.77 -10.96 17.76
CA LYS A 89 19.93 -10.35 18.78
C LYS A 89 18.44 -10.36 18.42
N LEU A 90 18.10 -10.90 17.26
CA LEU A 90 16.71 -11.10 16.86
C LEU A 90 16.44 -12.59 16.69
N TYR A 91 15.17 -12.95 16.81
CA TYR A 91 14.80 -14.35 16.64
C TYR A 91 14.97 -14.76 15.17
N PRO A 92 15.47 -15.96 14.90
CA PRO A 92 15.80 -16.33 13.51
C PRO A 92 14.60 -16.40 12.59
N PHE A 93 13.41 -16.72 13.12
CA PHE A 93 12.24 -16.83 12.24
C PHE A 93 11.74 -15.46 11.80
N THR A 94 12.13 -14.39 12.48
CA THR A 94 11.76 -13.06 12.03
C THR A 94 12.53 -12.65 10.78
N TRP A 95 13.75 -13.17 10.61
CA TRP A 95 14.50 -12.91 9.39
C TRP A 95 13.98 -13.72 8.22
N ASP A 96 13.33 -14.86 8.49
CA ASP A 96 12.74 -15.66 7.41
C ASP A 96 11.62 -14.89 6.72
N ALA A 97 10.89 -14.07 7.46
CA ALA A 97 9.79 -13.31 6.87
C ALA A 97 10.28 -12.15 6.01
N VAL A 98 11.54 -11.74 6.15
CA VAL A 98 12.09 -10.63 5.40
C VAL A 98 13.13 -11.10 4.39
N ARG A 99 13.16 -12.39 4.08
CA ARG A 99 14.12 -12.96 3.14
C ARG A 99 13.39 -13.29 1.85
N TYR A 100 13.59 -12.46 0.83
CA TYR A 100 13.02 -12.65 -0.49
C TYR A 100 14.13 -13.03 -1.47
N ASN A 101 13.92 -14.12 -2.21
CA ASN A 101 14.92 -14.65 -3.14
C ASN A 101 16.23 -14.97 -2.42
N GLY A 102 16.14 -15.40 -1.17
CA GLY A 102 17.32 -15.74 -0.39
C GLY A 102 18.13 -14.56 0.11
N LYS A 103 17.63 -13.34 -0.02
CA LYS A 103 18.35 -12.15 0.42
C LYS A 103 17.48 -11.34 1.36
N LEU A 104 18.11 -10.76 2.38
CA LEU A 104 17.40 -9.90 3.33
C LEU A 104 17.06 -8.58 2.67
N ILE A 105 15.82 -8.13 2.85
CA ILE A 105 15.32 -6.94 2.20
C ILE A 105 14.80 -5.90 3.18
N ALA A 106 14.77 -6.19 4.48
CA ALA A 106 14.22 -5.27 5.46
C ALA A 106 14.78 -5.61 6.83
N TYR A 107 14.43 -4.77 7.81
CA TYR A 107 14.79 -4.98 9.21
C TYR A 107 13.56 -5.44 9.98
N PRO A 108 13.50 -6.69 10.43
CA PRO A 108 12.35 -7.13 11.24
C PRO A 108 12.32 -6.42 12.58
N ILE A 109 11.12 -6.08 13.04
CA ILE A 109 10.95 -5.31 14.27
C ILE A 109 10.10 -6.08 15.28
N ALA A 110 8.81 -6.24 14.98
CA ALA A 110 7.88 -6.83 15.91
C ALA A 110 6.96 -7.80 15.20
N VAL A 111 6.45 -8.78 15.94
CA VAL A 111 5.53 -9.79 15.43
C VAL A 111 4.11 -9.38 15.82
N GLU A 112 3.24 -9.24 14.83
CA GLU A 112 1.86 -8.85 15.05
C GLU A 112 0.93 -10.06 14.90
N ALA A 113 -0.17 -10.03 15.64
CA ALA A 113 -1.19 -11.06 15.55
C ALA A 113 -2.46 -10.54 16.21
N LEU A 114 -3.60 -10.85 15.60
CA LEU A 114 -4.87 -10.39 16.13
C LEU A 114 -5.24 -11.17 17.39
N SER A 115 -6.13 -10.57 18.19
CA SER A 115 -6.60 -11.19 19.41
C SER A 115 -7.98 -10.66 19.74
N LEU A 116 -8.71 -11.41 20.57
CA LEU A 116 -10.01 -10.98 21.03
C LEU A 116 -9.85 -9.99 22.18
N ILE A 117 -10.61 -8.90 22.12
CA ILE A 117 -10.62 -7.87 23.15
C ILE A 117 -12.05 -7.77 23.67
N TYR A 118 -12.26 -8.14 24.93
CA TYR A 118 -13.59 -8.19 25.52
C TYR A 118 -13.66 -7.27 26.74
N ASN A 119 -14.86 -6.77 27.00
CA ASN A 119 -15.12 -5.91 28.16
C ASN A 119 -15.52 -6.78 29.34
N LYS A 120 -14.72 -6.71 30.42
CA LYS A 120 -14.96 -7.59 31.57
C LYS A 120 -16.18 -7.18 32.38
N ASP A 121 -16.63 -5.93 32.27
CA ASP A 121 -17.82 -5.51 33.00
C ASP A 121 -19.09 -6.02 32.34
N LEU A 122 -19.19 -5.87 31.01
CA LEU A 122 -20.35 -6.38 30.28
C LEU A 122 -20.28 -7.88 30.08
N LEU A 123 -19.07 -8.45 30.05
CA LEU A 123 -18.87 -9.86 29.71
C LEU A 123 -17.84 -10.45 30.66
N PRO A 124 -18.28 -11.15 31.72
CA PRO A 124 -17.32 -11.70 32.69
C PRO A 124 -16.33 -12.66 32.06
N ASN A 125 -16.82 -13.71 31.40
CA ASN A 125 -15.92 -14.63 30.72
C ASN A 125 -16.17 -14.58 29.21
N PRO A 126 -15.10 -14.54 28.41
CA PRO A 126 -15.28 -14.36 26.97
C PRO A 126 -15.79 -15.64 26.32
N PRO A 127 -16.49 -15.53 25.20
CA PRO A 127 -16.96 -16.73 24.49
C PRO A 127 -15.80 -17.51 23.92
N LYS A 128 -15.88 -18.84 24.02
CA LYS A 128 -14.82 -19.68 23.52
C LYS A 128 -14.98 -19.99 22.03
N THR A 129 -16.20 -19.97 21.52
CA THR A 129 -16.50 -20.29 20.14
C THR A 129 -17.17 -19.10 19.46
N TRP A 130 -17.33 -19.22 18.14
CA TRP A 130 -18.00 -18.19 17.35
C TRP A 130 -19.52 -18.35 17.40
N GLU A 131 -19.99 -19.60 17.39
CA GLU A 131 -21.42 -19.86 17.25
C GLU A 131 -22.24 -19.40 18.46
N GLU A 132 -21.60 -19.15 19.59
CA GLU A 132 -22.29 -18.74 20.80
C GLU A 132 -22.44 -17.23 20.91
N ILE A 133 -22.17 -16.49 19.84
CA ILE A 133 -22.25 -15.02 19.85
C ILE A 133 -23.63 -14.52 19.43
N PRO A 134 -24.28 -15.10 18.40
CA PRO A 134 -25.64 -14.62 18.06
C PRO A 134 -26.61 -14.66 19.23
N ALA A 135 -26.54 -15.68 20.09
CA ALA A 135 -27.38 -15.69 21.28
C ALA A 135 -26.88 -14.69 22.31
N LEU A 136 -25.56 -14.47 22.38
CA LEU A 136 -25.00 -13.50 23.31
C LEU A 136 -25.31 -12.07 22.89
N ASP A 137 -25.42 -11.82 21.58
CA ASP A 137 -25.76 -10.48 21.11
C ASP A 137 -27.19 -10.11 21.49
N LYS A 138 -28.12 -11.04 21.34
CA LYS A 138 -29.52 -10.75 21.67
C LYS A 138 -29.70 -10.49 23.16
N GLU A 139 -28.81 -11.03 23.99
CA GLU A 139 -28.84 -10.71 25.42
C GLU A 139 -28.41 -9.27 25.66
N LEU A 140 -27.32 -8.85 25.01
CA LEU A 140 -26.87 -7.47 25.14
C LEU A 140 -27.76 -6.51 24.35
N LYS A 141 -28.36 -6.97 23.26
CA LYS A 141 -29.27 -6.13 22.48
C LYS A 141 -30.45 -5.67 23.33
N ALA A 142 -30.95 -6.55 24.21
CA ALA A 142 -32.04 -6.17 25.09
C ALA A 142 -31.60 -5.20 26.18
N LYS A 143 -30.29 -5.08 26.43
CA LYS A 143 -29.77 -4.16 27.43
C LYS A 143 -29.36 -2.82 26.84
N GLY A 144 -29.30 -2.70 25.51
CA GLY A 144 -28.86 -1.49 24.86
C GLY A 144 -27.46 -1.54 24.28
N LYS A 145 -26.74 -2.64 24.46
CA LYS A 145 -25.39 -2.81 23.96
C LYS A 145 -25.36 -3.88 22.87
N SER A 146 -24.17 -4.14 22.36
CA SER A 146 -23.95 -5.16 21.34
C SER A 146 -22.91 -6.15 21.83
N ALA A 147 -22.80 -7.27 21.11
CA ALA A 147 -21.80 -8.28 21.45
C ALA A 147 -20.45 -7.96 20.81
N LEU A 148 -20.41 -7.87 19.49
CA LEU A 148 -19.16 -7.73 18.76
C LEU A 148 -19.28 -6.63 17.72
N MET A 149 -18.17 -5.91 17.51
CA MET A 149 -18.07 -4.92 16.43
C MET A 149 -16.60 -4.76 16.11
N PHE A 150 -16.20 -5.16 14.90
CA PHE A 150 -14.81 -5.03 14.47
C PHE A 150 -14.77 -4.54 13.03
N ASN A 151 -13.58 -4.18 12.59
CA ASN A 151 -13.38 -3.57 11.28
C ASN A 151 -13.69 -4.59 10.18
N LEU A 152 -14.72 -4.31 9.40
CA LEU A 152 -15.12 -5.18 8.30
C LEU A 152 -14.63 -4.69 6.94
N GLN A 153 -14.06 -3.49 6.87
CA GLN A 153 -13.63 -2.94 5.59
C GLN A 153 -12.26 -3.46 5.16
N GLU A 154 -11.46 -3.98 6.09
CA GLU A 154 -10.17 -4.57 5.76
C GLU A 154 -10.22 -6.07 5.99
N PRO A 155 -9.75 -6.88 5.04
CA PRO A 155 -9.85 -8.34 5.19
C PRO A 155 -8.90 -8.91 6.22
N TYR A 156 -7.92 -8.13 6.70
CA TYR A 156 -6.98 -8.63 7.70
C TYR A 156 -7.68 -9.01 8.99
N PHE A 157 -8.75 -8.30 9.36
CA PHE A 157 -9.47 -8.61 10.59
C PHE A 157 -10.41 -9.79 10.42
N THR A 158 -10.91 -10.03 9.20
CA THR A 158 -11.85 -11.11 8.95
C THR A 158 -11.16 -12.44 8.62
N TRP A 159 -9.90 -12.40 8.21
CA TRP A 159 -9.22 -13.60 7.77
C TRP A 159 -9.17 -14.72 8.80
N PRO A 160 -8.97 -14.47 10.11
CA PRO A 160 -8.95 -15.60 11.07
C PRO A 160 -10.18 -16.49 11.01
N LEU A 161 -11.36 -15.91 10.76
CA LEU A 161 -12.58 -16.71 10.64
C LEU A 161 -12.63 -17.44 9.30
N ILE A 162 -12.15 -16.80 8.24
CA ILE A 162 -12.19 -17.42 6.92
C ILE A 162 -11.21 -18.59 6.85
N ALA A 163 -10.05 -18.44 7.48
CA ALA A 163 -9.04 -19.49 7.50
C ALA A 163 -9.30 -20.56 8.55
N ALA A 164 -10.35 -20.43 9.35
CA ALA A 164 -10.58 -21.34 10.46
C ALA A 164 -10.89 -22.75 9.95
N ASP A 165 -11.92 -22.90 9.12
CA ASP A 165 -12.34 -24.21 8.68
C ASP A 165 -11.53 -24.74 7.49
N GLY A 166 -10.70 -23.92 6.87
CA GLY A 166 -9.83 -24.44 5.83
C GLY A 166 -9.43 -23.46 4.74
N GLY A 167 -9.79 -22.18 4.90
CA GLY A 167 -9.40 -21.19 3.92
C GLY A 167 -7.91 -20.88 4.01
N TYR A 168 -7.31 -20.63 2.85
CA TYR A 168 -5.89 -20.28 2.81
C TYR A 168 -5.63 -19.39 1.60
N ALA A 169 -4.50 -18.70 1.63
CA ALA A 169 -4.11 -17.82 0.54
C ALA A 169 -3.54 -18.52 -0.68
N PHE A 170 -2.29 -18.95 -0.61
CA PHE A 170 -1.64 -19.74 -1.65
C PHE A 170 -1.05 -21.00 -1.03
N LYS A 171 -1.27 -22.13 -1.68
CA LYS A 171 -0.78 -23.40 -1.17
C LYS A 171 0.74 -23.38 -1.05
N TYR A 172 1.24 -23.69 0.14
CA TYR A 172 2.67 -23.70 0.43
C TYR A 172 3.13 -25.15 0.53
N GLU A 173 4.01 -25.56 -0.38
CA GLU A 173 4.54 -26.92 -0.37
C GLU A 173 5.90 -26.92 -1.05
N ASN A 174 6.80 -27.76 -0.55
CA ASN A 174 8.18 -27.87 -1.05
C ASN A 174 8.90 -26.53 -0.97
N GLY A 175 8.53 -25.69 0.00
CA GLY A 175 9.18 -24.41 0.20
C GLY A 175 8.77 -23.32 -0.76
N LYS A 176 7.79 -23.57 -1.64
CA LYS A 176 7.35 -22.58 -2.61
C LYS A 176 5.84 -22.42 -2.53
N TYR A 177 5.38 -21.20 -2.80
CA TYR A 177 3.96 -20.89 -2.82
C TYR A 177 3.42 -21.09 -4.24
N ASP A 178 2.41 -21.94 -4.36
CA ASP A 178 1.77 -22.21 -5.66
C ASP A 178 0.69 -21.16 -5.87
N ILE A 179 0.97 -20.18 -6.76
CA ILE A 179 0.00 -19.15 -7.06
C ILE A 179 -1.17 -19.66 -7.89
N LYS A 180 -1.06 -20.88 -8.44
CA LYS A 180 -2.18 -21.49 -9.13
C LYS A 180 -3.19 -22.07 -8.16
N ASP A 181 -2.74 -22.57 -7.01
CA ASP A 181 -3.63 -23.16 -6.00
C ASP A 181 -4.00 -22.08 -5.00
N VAL A 182 -5.19 -21.51 -5.17
CA VAL A 182 -5.72 -20.50 -4.26
C VAL A 182 -6.88 -21.14 -3.50
N GLY A 183 -6.90 -20.93 -2.18
CA GLY A 183 -7.92 -21.53 -1.35
C GLY A 183 -8.86 -20.54 -0.69
N VAL A 184 -9.33 -19.56 -1.45
CA VAL A 184 -10.29 -18.58 -0.94
C VAL A 184 -11.72 -18.94 -1.29
N ASP A 185 -11.94 -20.04 -2.03
CA ASP A 185 -13.28 -20.44 -2.45
C ASP A 185 -13.59 -21.89 -2.10
N ASN A 186 -12.92 -22.46 -1.10
CA ASN A 186 -13.20 -23.82 -0.69
C ASN A 186 -14.29 -23.83 0.39
N ALA A 187 -14.57 -25.02 0.92
CA ALA A 187 -15.64 -25.16 1.90
C ALA A 187 -15.30 -24.41 3.18
N GLY A 188 -14.04 -24.44 3.60
CA GLY A 188 -13.66 -23.72 4.80
C GLY A 188 -13.82 -22.23 4.66
N ALA A 189 -13.37 -21.68 3.54
CA ALA A 189 -13.49 -20.23 3.31
C ALA A 189 -14.96 -19.83 3.20
N LYS A 190 -15.76 -20.61 2.49
CA LYS A 190 -17.18 -20.29 2.35
C LYS A 190 -17.89 -20.32 3.70
N ALA A 191 -17.59 -21.33 4.52
CA ALA A 191 -18.25 -21.45 5.82
C ALA A 191 -17.92 -20.27 6.73
N GLY A 192 -16.66 -19.83 6.71
CA GLY A 192 -16.29 -18.70 7.55
C GLY A 192 -16.97 -17.40 7.13
N LEU A 193 -17.02 -17.14 5.82
CA LEU A 193 -17.62 -15.91 5.34
C LEU A 193 -19.14 -15.94 5.46
N THR A 194 -19.75 -17.11 5.23
CA THR A 194 -21.20 -17.22 5.35
C THR A 194 -21.65 -16.95 6.78
N PHE A 195 -20.87 -17.40 7.77
CA PHE A 195 -21.21 -17.10 9.15
C PHE A 195 -21.08 -15.61 9.45
N LEU A 196 -20.13 -14.93 8.81
CA LEU A 196 -20.02 -13.49 8.98
C LEU A 196 -21.22 -12.77 8.37
N VAL A 197 -21.64 -13.20 7.19
CA VAL A 197 -22.80 -12.59 6.55
C VAL A 197 -24.08 -12.92 7.33
N ASP A 198 -24.15 -14.11 7.94
CA ASP A 198 -25.30 -14.43 8.78
C ASP A 198 -25.38 -13.51 9.99
N LEU A 199 -24.24 -13.02 10.47
CA LEU A 199 -24.26 -12.02 11.55
C LEU A 199 -24.79 -10.68 11.05
N ILE A 200 -24.60 -10.39 9.77
CA ILE A 200 -25.10 -9.13 9.21
C ILE A 200 -26.59 -9.24 8.91
N LYS A 201 -27.03 -10.38 8.38
CA LYS A 201 -28.44 -10.54 8.03
C LYS A 201 -29.32 -10.55 9.27
N ASN A 202 -28.87 -11.21 10.34
CA ASN A 202 -29.61 -11.23 11.59
C ASN A 202 -29.43 -9.95 12.41
N LYS A 203 -28.77 -8.95 11.84
CA LYS A 203 -28.53 -7.66 12.50
C LYS A 203 -27.82 -7.83 13.83
N HIS A 204 -26.77 -8.66 13.83
CA HIS A 204 -25.87 -8.75 14.97
C HIS A 204 -24.67 -7.83 14.81
N MET A 205 -24.24 -7.58 13.58
CA MET A 205 -23.24 -6.57 13.27
C MET A 205 -23.75 -5.75 12.08
N ASN A 206 -23.06 -4.65 11.80
CA ASN A 206 -23.37 -3.79 10.68
C ASN A 206 -22.22 -3.81 9.69
N ALA A 207 -22.54 -4.01 8.41
CA ALA A 207 -21.50 -4.08 7.39
C ALA A 207 -20.77 -2.75 7.22
N ASP A 208 -21.38 -1.64 7.63
CA ASP A 208 -20.74 -0.34 7.52
C ASP A 208 -19.63 -0.12 8.54
N THR A 209 -19.47 -1.05 9.50
CA THR A 209 -18.50 -0.86 10.57
C THR A 209 -17.08 -0.89 10.03
N ASP A 210 -16.29 0.12 10.38
CA ASP A 210 -14.88 0.14 10.02
C ASP A 210 -14.01 0.17 11.29
N TYR A 211 -12.75 0.55 11.14
CA TYR A 211 -11.83 0.53 12.28
C TYR A 211 -12.24 1.54 13.35
N SER A 212 -12.58 2.77 12.93
CA SER A 212 -12.89 3.81 13.90
C SER A 212 -14.24 3.57 14.57
N ILE A 213 -15.25 3.16 13.79
CA ILE A 213 -16.57 2.91 14.35
C ILE A 213 -16.50 1.78 15.39
N ALA A 214 -15.81 0.70 15.05
CA ALA A 214 -15.67 -0.42 15.97
C ALA A 214 -14.87 -0.01 17.20
N GLU A 215 -13.86 0.85 17.01
CA GLU A 215 -13.06 1.31 18.13
C GLU A 215 -13.83 2.30 19.00
N ALA A 216 -14.55 3.24 18.38
CA ALA A 216 -15.31 4.21 19.15
C ALA A 216 -16.48 3.56 19.88
N ALA A 217 -17.07 2.51 19.31
CA ALA A 217 -18.18 1.83 19.97
C ALA A 217 -17.72 0.97 21.14
N PHE A 218 -16.50 0.44 21.08
CA PHE A 218 -16.00 -0.38 22.18
C PHE A 218 -15.42 0.48 23.30
N ASN A 219 -14.72 1.55 22.94
CA ASN A 219 -14.14 2.43 23.96
C ASN A 219 -15.21 3.24 24.69
N LYS A 220 -16.38 3.42 24.08
CA LYS A 220 -17.49 4.08 24.77
C LYS A 220 -18.29 3.13 25.65
N GLY A 221 -18.17 1.82 25.42
CA GLY A 221 -18.93 0.84 26.17
C GLY A 221 -20.18 0.34 25.50
N GLU A 222 -20.30 0.44 24.17
CA GLU A 222 -21.50 0.05 23.47
C GLU A 222 -21.46 -1.38 22.97
N THR A 223 -20.29 -1.99 22.88
CA THR A 223 -20.16 -3.37 22.43
C THR A 223 -19.41 -4.18 23.47
N ALA A 224 -19.73 -5.47 23.54
CA ALA A 224 -19.13 -6.33 24.57
C ALA A 224 -17.68 -6.66 24.23
N MET A 225 -17.38 -6.86 22.96
CA MET A 225 -16.03 -7.27 22.57
C MET A 225 -15.72 -6.81 21.15
N THR A 226 -14.44 -6.82 20.81
CA THR A 226 -13.98 -6.44 19.50
C THR A 226 -12.68 -7.16 19.18
N ILE A 227 -12.30 -7.15 17.91
CA ILE A 227 -11.09 -7.81 17.43
C ILE A 227 -10.14 -6.74 16.92
N ASN A 228 -8.93 -6.71 17.47
CA ASN A 228 -7.93 -5.74 17.05
C ASN A 228 -6.55 -6.28 17.40
N GLY A 229 -5.52 -5.48 17.13
CA GLY A 229 -4.16 -5.87 17.39
C GLY A 229 -3.56 -5.16 18.57
N PRO A 230 -2.26 -5.39 18.82
CA PRO A 230 -1.62 -4.75 19.98
C PRO A 230 -1.58 -3.24 19.92
N TRP A 231 -1.76 -2.64 18.74
CA TRP A 231 -1.66 -1.19 18.62
C TRP A 231 -2.85 -0.47 19.26
N ALA A 232 -3.96 -1.15 19.47
CA ALA A 232 -5.16 -0.54 20.02
C ALA A 232 -5.28 -0.67 21.52
N TRP A 233 -4.29 -1.28 22.18
CA TRP A 233 -4.37 -1.46 23.63
C TRP A 233 -4.34 -0.12 24.36
N SER A 234 -3.45 0.79 23.95
CA SER A 234 -3.32 2.05 24.66
C SER A 234 -4.50 2.98 24.41
N ASN A 235 -5.18 2.84 23.28
CA ASN A 235 -6.37 3.65 23.03
C ASN A 235 -7.50 3.30 23.99
N ILE A 236 -7.59 2.04 24.40
CA ILE A 236 -8.55 1.65 25.42
C ILE A 236 -8.05 1.96 26.82
N ASP A 237 -6.73 2.05 27.00
CA ASP A 237 -6.18 2.44 28.30
C ASP A 237 -6.56 3.87 28.65
N THR A 238 -6.69 4.74 27.65
CA THR A 238 -7.13 6.11 27.91
C THR A 238 -8.56 6.13 28.45
N SER A 239 -9.43 5.29 27.89
CA SER A 239 -10.78 5.17 28.41
C SER A 239 -10.77 4.31 29.67
N ALA A 240 -11.91 4.33 30.38
CA ALA A 240 -12.08 3.55 31.60
C ALA A 240 -12.69 2.17 31.35
N VAL A 241 -12.47 1.62 30.16
CA VAL A 241 -13.06 0.33 29.79
C VAL A 241 -12.25 -0.79 30.42
N ASN A 242 -12.89 -1.57 31.29
CA ASN A 242 -12.26 -2.74 31.91
C ASN A 242 -12.22 -3.85 30.87
N TYR A 243 -11.18 -3.83 30.05
CA TYR A 243 -11.06 -4.73 28.90
C TYR A 243 -10.16 -5.91 29.24
N GLY A 244 -10.19 -6.90 28.35
CA GLY A 244 -9.35 -8.07 28.46
C GLY A 244 -8.95 -8.58 27.09
N VAL A 245 -7.71 -9.04 26.96
CA VAL A 245 -7.19 -9.57 25.71
C VAL A 245 -6.98 -11.07 25.89
N THR A 246 -7.60 -11.87 25.02
CA THR A 246 -7.59 -13.32 25.15
C THR A 246 -7.49 -13.94 23.77
N VAL A 247 -7.67 -15.27 23.72
CA VAL A 247 -7.58 -15.99 22.46
C VAL A 247 -8.82 -15.75 21.61
N LEU A 248 -8.69 -15.96 20.31
CA LEU A 248 -9.81 -15.78 19.40
C LEU A 248 -10.80 -16.94 19.57
N PRO A 249 -12.09 -16.67 19.32
CA PRO A 249 -13.08 -17.76 19.39
C PRO A 249 -12.83 -18.78 18.29
N THR A 250 -13.30 -20.00 18.55
CA THR A 250 -13.16 -21.09 17.60
C THR A 250 -14.36 -21.15 16.67
N PHE A 251 -14.12 -21.56 15.42
CA PHE A 251 -15.16 -21.71 14.41
C PHE A 251 -15.19 -23.16 13.98
N LYS A 252 -16.37 -23.79 14.07
CA LYS A 252 -16.55 -25.21 13.78
C LYS A 252 -15.58 -26.07 14.60
N GLY A 253 -15.36 -25.67 15.85
CA GLY A 253 -14.40 -26.34 16.69
C GLY A 253 -12.95 -26.18 16.29
N GLN A 254 -12.67 -25.37 15.27
CA GLN A 254 -11.31 -25.16 14.80
C GLN A 254 -10.78 -23.81 15.29
N PRO A 255 -9.50 -23.73 15.63
CA PRO A 255 -8.92 -22.44 16.02
C PRO A 255 -8.90 -21.48 14.86
N SER A 256 -9.07 -20.20 15.18
CA SER A 256 -8.92 -19.15 14.17
C SER A 256 -7.47 -19.06 13.74
N LYS A 257 -7.26 -18.83 12.44
CA LYS A 257 -5.91 -18.78 11.90
C LYS A 257 -5.59 -17.37 11.42
N PRO A 258 -5.17 -16.47 12.30
CA PRO A 258 -4.84 -15.11 11.86
C PRO A 258 -3.52 -15.09 11.10
N PHE A 259 -3.46 -14.25 10.08
CA PHE A 259 -2.26 -14.09 9.29
C PHE A 259 -1.23 -13.31 10.11
N VAL A 260 -0.15 -13.99 10.51
CA VAL A 260 0.85 -13.38 11.37
C VAL A 260 1.65 -12.36 10.56
N GLY A 261 1.67 -11.12 11.05
CA GLY A 261 2.39 -10.04 10.40
C GLY A 261 3.65 -9.69 11.17
N VAL A 262 4.73 -9.45 10.44
CA VAL A 262 6.02 -9.06 11.00
C VAL A 262 6.32 -7.65 10.50
N LEU A 263 6.21 -6.66 11.39
CA LEU A 263 6.49 -5.29 11.03
C LEU A 263 7.97 -5.15 10.69
N SER A 264 8.25 -4.64 9.49
CA SER A 264 9.62 -4.58 8.98
C SER A 264 9.97 -3.15 8.56
N ALA A 265 11.27 -2.90 8.42
CA ALA A 265 11.80 -1.59 8.07
C ALA A 265 12.64 -1.73 6.80
N GLY A 266 12.15 -1.18 5.70
CA GLY A 266 12.85 -1.21 4.44
C GLY A 266 13.52 0.11 4.12
N ILE A 267 14.57 0.05 3.31
CA ILE A 267 15.32 1.21 2.87
C ILE A 267 15.13 1.36 1.37
N ASN A 268 14.75 2.57 0.94
CA ASN A 268 14.50 2.82 -0.47
C ASN A 268 15.79 2.68 -1.27
N ALA A 269 15.71 1.97 -2.39
CA ALA A 269 16.88 1.78 -3.24
C ALA A 269 17.38 3.08 -3.84
N ALA A 270 16.54 4.11 -3.89
CA ALA A 270 16.92 5.42 -4.40
C ALA A 270 17.27 6.41 -3.30
N SER A 271 17.56 5.91 -2.10
CA SER A 271 17.89 6.77 -0.98
C SER A 271 19.39 7.05 -0.96
N PRO A 272 19.82 8.30 -1.02
CA PRO A 272 21.27 8.58 -0.93
C PRO A 272 21.87 8.18 0.40
N ASN A 273 21.14 8.38 1.49
CA ASN A 273 21.60 8.02 2.84
C ASN A 273 21.28 6.56 3.14
N LYS A 274 21.79 5.68 2.26
CA LYS A 274 21.48 4.25 2.39
C LYS A 274 22.20 3.63 3.58
N GLU A 275 23.44 4.05 3.83
CA GLU A 275 24.17 3.56 4.99
C GLU A 275 23.98 4.43 6.23
N LEU A 276 23.56 5.68 6.04
CA LEU A 276 23.18 6.51 7.19
C LEU A 276 21.91 5.98 7.84
N ALA A 277 21.02 5.39 7.05
CA ALA A 277 19.80 4.78 7.57
C ALA A 277 20.01 3.36 8.09
N LYS A 278 21.15 2.74 7.77
CA LYS A 278 21.45 1.42 8.30
C LYS A 278 21.79 1.49 9.79
N GLU A 279 22.73 2.37 10.16
CA GLU A 279 23.14 2.49 11.55
C GLU A 279 22.06 3.10 12.43
N PHE A 280 21.10 3.82 11.85
CA PHE A 280 20.00 4.37 12.65
C PHE A 280 19.11 3.26 13.19
N LEU A 281 18.61 2.40 12.30
CA LEU A 281 17.74 1.31 12.74
C LEU A 281 18.47 0.32 13.63
N GLU A 282 19.77 0.11 13.39
CA GLU A 282 20.52 -0.87 14.15
C GLU A 282 20.88 -0.38 15.55
N ASN A 283 21.15 0.92 15.71
CA ASN A 283 21.66 1.43 16.97
C ASN A 283 20.66 2.30 17.73
N TYR A 284 19.56 2.71 17.12
CA TYR A 284 18.58 3.55 17.78
C TYR A 284 17.19 2.94 17.88
N LEU A 285 16.76 2.17 16.87
CA LEU A 285 15.48 1.49 16.96
C LEU A 285 15.59 0.09 17.53
N LEU A 286 16.62 -0.66 17.12
CA LEU A 286 16.79 -2.03 17.60
C LEU A 286 17.47 -2.07 18.95
N THR A 287 17.33 -1.00 19.73
CA THR A 287 17.77 -0.99 21.12
C THR A 287 16.56 -1.14 22.03
N ASP A 288 16.83 -1.39 23.31
CA ASP A 288 15.76 -1.59 24.27
C ASP A 288 14.99 -0.30 24.53
N GLU A 289 15.66 0.84 24.48
CA GLU A 289 15.00 2.11 24.77
C GLU A 289 14.13 2.56 23.61
N GLY A 290 14.60 2.38 22.37
CA GLY A 290 13.84 2.82 21.22
C GLY A 290 12.53 2.06 21.06
N LEU A 291 12.54 0.76 21.31
CA LEU A 291 11.31 -0.02 21.22
C LEU A 291 10.33 0.37 22.31
N GLU A 292 10.82 0.78 23.48
CA GLU A 292 9.93 1.18 24.56
C GLU A 292 9.23 2.49 24.25
N ALA A 293 9.93 3.43 23.60
CA ALA A 293 9.32 4.72 23.28
C ALA A 293 8.17 4.56 22.29
N VAL A 294 8.34 3.68 21.30
CA VAL A 294 7.23 3.41 20.37
C VAL A 294 6.16 2.58 21.07
N ASN A 295 6.54 1.73 22.00
CA ASN A 295 5.55 0.90 22.70
C ASN A 295 4.75 1.72 23.70
N LYS A 296 5.34 2.77 24.26
CA LYS A 296 4.59 3.64 25.17
C LYS A 296 3.48 4.38 24.44
N ASP A 297 3.73 4.77 23.19
CA ASP A 297 2.71 5.43 22.37
C ASP A 297 1.61 4.43 22.03
N LYS A 298 1.90 3.50 21.13
CA LYS A 298 0.99 2.42 20.78
C LYS A 298 1.76 1.11 20.79
N PRO A 299 1.31 0.10 21.52
CA PRO A 299 2.13 -1.10 21.71
C PRO A 299 2.41 -1.83 20.41
N LEU A 300 3.60 -2.42 20.33
CA LEU A 300 4.08 -3.10 19.13
C LEU A 300 3.80 -4.60 19.13
N GLY A 301 3.40 -5.17 20.25
CA GLY A 301 3.14 -6.59 20.32
C GLY A 301 4.36 -7.36 20.78
N ALA A 302 4.66 -8.46 20.11
CA ALA A 302 5.81 -9.31 20.43
C ALA A 302 6.96 -8.90 19.54
N VAL A 303 7.85 -8.05 20.07
CA VAL A 303 8.99 -7.53 19.33
C VAL A 303 9.98 -8.66 19.02
N ALA A 304 10.88 -8.42 18.08
CA ALA A 304 11.85 -9.44 17.69
C ALA A 304 13.15 -9.37 18.47
N LEU A 305 13.43 -8.24 19.13
CA LEU A 305 14.67 -8.10 19.88
C LEU A 305 14.63 -9.00 21.11
N LYS A 306 15.56 -9.95 21.19
CA LYS A 306 15.60 -10.88 22.30
C LYS A 306 15.73 -10.16 23.64
N SER A 307 16.41 -9.02 23.66
CA SER A 307 16.63 -8.30 24.92
C SER A 307 15.33 -7.78 25.49
N TYR A 308 14.65 -6.89 24.76
CA TYR A 308 13.47 -6.22 25.29
C TYR A 308 12.23 -7.10 25.28
N GLU A 309 12.21 -8.17 24.48
CA GLU A 309 11.03 -9.03 24.43
C GLU A 309 10.86 -9.79 25.74
N GLU A 310 11.97 -10.27 26.32
CA GLU A 310 11.89 -11.04 27.55
C GLU A 310 11.43 -10.19 28.73
N GLU A 311 11.66 -8.86 28.67
CA GLU A 311 11.26 -7.98 29.75
C GLU A 311 9.75 -7.95 29.90
N LEU A 312 9.03 -7.74 28.79
CA LEU A 312 7.58 -7.66 28.80
C LEU A 312 6.94 -8.90 28.18
N ALA A 313 7.64 -10.04 28.20
CA ALA A 313 7.05 -11.29 27.74
C ALA A 313 5.96 -11.78 28.69
N LYS A 314 6.02 -11.39 29.96
CA LYS A 314 5.01 -11.78 30.95
C LYS A 314 3.73 -10.97 30.83
N ASP A 315 3.62 -10.10 29.83
CA ASP A 315 2.42 -9.33 29.62
C ASP A 315 1.25 -10.24 29.28
N PRO A 316 0.15 -10.20 30.03
CA PRO A 316 -1.01 -11.04 29.68
C PRO A 316 -1.60 -10.71 28.32
N ARG A 317 -1.37 -9.49 27.81
CA ARG A 317 -1.83 -9.15 26.47
C ARG A 317 -0.88 -9.70 25.41
N ILE A 318 0.42 -9.65 25.67
CA ILE A 318 1.40 -10.17 24.71
C ILE A 318 1.34 -11.70 24.66
N ALA A 319 1.13 -12.35 25.80
CA ALA A 319 1.02 -13.80 25.83
C ALA A 319 -0.16 -14.27 24.98
N ALA A 320 -1.29 -13.55 25.04
CA ALA A 320 -2.44 -13.93 24.24
C ALA A 320 -2.18 -13.67 22.76
N THR A 321 -1.49 -12.57 22.43
CA THR A 321 -1.15 -12.31 21.04
C THR A 321 -0.17 -13.36 20.51
N MET A 322 0.75 -13.81 21.36
CA MET A 322 1.72 -14.81 20.92
C MET A 322 1.08 -16.18 20.75
N GLU A 323 0.01 -16.46 21.47
CA GLU A 323 -0.69 -17.74 21.30
C GLU A 323 -1.55 -17.74 20.04
N ASN A 324 -2.22 -16.61 19.76
CA ASN A 324 -2.97 -16.51 18.51
C ASN A 324 -2.07 -16.63 17.30
N ALA A 325 -0.81 -16.20 17.42
CA ALA A 325 0.11 -16.31 16.29
C ALA A 325 0.53 -17.75 16.03
N GLN A 326 0.60 -18.58 17.08
CA GLN A 326 1.01 -19.97 16.89
C GLN A 326 -0.04 -20.75 16.13
N LYS A 327 -1.33 -20.51 16.42
CA LYS A 327 -2.40 -21.21 15.74
C LYS A 327 -2.72 -20.62 14.37
N GLY A 328 -2.18 -19.46 14.04
CA GLY A 328 -2.28 -18.89 12.71
C GLY A 328 -1.14 -19.35 11.83
N GLU A 329 -0.81 -18.53 10.84
CA GLU A 329 0.33 -18.83 9.97
C GLU A 329 0.96 -17.52 9.53
N ILE A 330 2.26 -17.60 9.24
CA ILE A 330 3.01 -16.42 8.80
C ILE A 330 2.54 -16.01 7.42
N MET A 331 2.50 -14.70 7.17
CA MET A 331 2.06 -14.20 5.88
C MET A 331 3.14 -14.46 4.82
N PRO A 332 2.75 -14.86 3.63
CA PRO A 332 3.73 -14.99 2.54
C PRO A 332 4.24 -13.62 2.12
N ASN A 333 5.47 -13.60 1.60
CA ASN A 333 6.07 -12.38 1.08
C ASN A 333 6.21 -12.41 -0.44
N ILE A 334 5.39 -13.20 -1.12
CA ILE A 334 5.42 -13.25 -2.58
C ILE A 334 4.78 -11.97 -3.11
N PRO A 335 5.15 -11.52 -4.33
CA PRO A 335 4.57 -10.27 -4.84
C PRO A 335 3.07 -10.31 -5.06
N GLN A 336 2.48 -11.51 -5.18
CA GLN A 336 1.04 -11.61 -5.42
C GLN A 336 0.20 -11.25 -4.21
N MET A 337 0.81 -10.94 -3.05
CA MET A 337 0.04 -10.67 -1.85
C MET A 337 -0.80 -9.40 -1.99
N SER A 338 -0.33 -8.42 -2.76
CA SER A 338 -1.11 -7.21 -2.97
C SER A 338 -2.41 -7.51 -3.73
N ALA A 339 -2.32 -8.33 -4.78
CA ALA A 339 -3.52 -8.70 -5.52
C ALA A 339 -4.41 -9.63 -4.71
N PHE A 340 -3.82 -10.46 -3.85
CA PHE A 340 -4.62 -11.34 -2.99
C PHE A 340 -5.47 -10.53 -2.02
N TRP A 341 -4.84 -9.61 -1.29
CA TRP A 341 -5.57 -8.80 -0.31
C TRP A 341 -6.65 -7.96 -0.96
N TYR A 342 -6.43 -7.52 -2.21
CA TYR A 342 -7.45 -6.73 -2.90
C TYR A 342 -8.63 -7.60 -3.30
N ALA A 343 -8.38 -8.83 -3.73
CA ALA A 343 -9.47 -9.72 -4.11
C ALA A 343 -10.33 -10.10 -2.90
N VAL A 344 -9.68 -10.35 -1.76
CA VAL A 344 -10.42 -10.74 -0.57
C VAL A 344 -11.17 -9.54 0.01
N ARG A 345 -10.56 -8.34 -0.07
CA ARG A 345 -11.21 -7.14 0.45
C ARG A 345 -12.51 -6.87 -0.28
N THR A 346 -12.49 -6.94 -1.61
CA THR A 346 -13.72 -6.76 -2.36
C THR A 346 -14.66 -7.95 -2.17
N ALA A 347 -14.11 -9.12 -1.87
CA ALA A 347 -14.97 -10.28 -1.60
C ALA A 347 -15.71 -10.12 -0.29
N VAL A 348 -15.02 -9.68 0.76
CA VAL A 348 -15.65 -9.53 2.07
C VAL A 348 -16.65 -8.39 2.05
N ILE A 349 -16.27 -7.25 1.44
CA ILE A 349 -17.14 -6.08 1.44
C ILE A 349 -18.40 -6.34 0.63
N ASN A 350 -18.25 -6.90 -0.57
CA ASN A 350 -19.42 -7.21 -1.38
C ASN A 350 -20.27 -8.31 -0.75
N ALA A 351 -19.65 -9.21 0.01
CA ALA A 351 -20.43 -10.24 0.69
C ALA A 351 -21.09 -9.72 1.95
N ALA A 352 -20.47 -8.75 2.63
CA ALA A 352 -21.09 -8.18 3.82
C ALA A 352 -22.24 -7.26 3.45
N SER A 353 -22.09 -6.48 2.40
CA SER A 353 -23.13 -5.54 1.98
C SER A 353 -24.24 -6.19 1.17
N GLY A 354 -24.11 -7.47 0.81
CA GLY A 354 -25.11 -8.13 0.01
C GLY A 354 -25.06 -7.81 -1.46
N ARG A 355 -23.98 -7.18 -1.91
CA ARG A 355 -23.83 -6.81 -3.35
C ARG A 355 -23.78 -8.10 -4.17
N GLN A 356 -23.27 -9.17 -3.59
CA GLN A 356 -23.25 -10.48 -4.24
C GLN A 356 -23.20 -11.55 -3.15
N THR A 357 -23.59 -12.76 -3.54
CA THR A 357 -23.64 -13.86 -2.59
C THR A 357 -22.23 -14.24 -2.13
N VAL A 358 -22.18 -15.08 -1.09
CA VAL A 358 -20.89 -15.53 -0.57
C VAL A 358 -20.15 -16.34 -1.63
N ASP A 359 -20.86 -17.22 -2.33
CA ASP A 359 -20.22 -18.00 -3.39
C ASP A 359 -19.76 -17.12 -4.53
N ALA A 360 -20.55 -16.10 -4.87
CA ALA A 360 -20.18 -15.23 -5.99
C ALA A 360 -18.98 -14.35 -5.63
N ALA A 361 -18.93 -13.86 -4.39
CA ALA A 361 -17.80 -13.02 -3.99
C ALA A 361 -16.51 -13.83 -3.93
N LEU A 362 -16.56 -15.04 -3.39
CA LEU A 362 -15.36 -15.85 -3.27
C LEU A 362 -14.94 -16.43 -4.62
N ALA A 363 -15.89 -16.75 -5.50
CA ALA A 363 -15.54 -17.22 -6.84
C ALA A 363 -14.85 -16.12 -7.64
N ALA A 364 -15.35 -14.89 -7.55
CA ALA A 364 -14.68 -13.78 -8.19
C ALA A 364 -13.32 -13.53 -7.55
N ALA A 365 -13.21 -13.71 -6.24
CA ALA A 365 -11.94 -13.54 -5.56
C ALA A 365 -10.95 -14.63 -5.93
N GLN A 366 -11.44 -15.85 -6.22
CA GLN A 366 -10.56 -16.94 -6.60
C GLN A 366 -9.79 -16.62 -7.87
N THR A 367 -10.48 -16.05 -8.86
CA THR A 367 -9.82 -15.68 -10.10
C THR A 367 -9.05 -14.37 -9.97
N ASN A 368 -9.60 -13.41 -9.22
CA ASN A 368 -8.95 -12.12 -9.04
C ASN A 368 -7.71 -12.18 -8.18
N ALA A 369 -7.49 -13.28 -7.46
CA ALA A 369 -6.29 -13.40 -6.63
C ALA A 369 -5.03 -13.47 -7.48
N ALA A 370 -5.13 -14.03 -8.69
CA ALA A 370 -4.00 -14.12 -9.60
C ALA A 370 -3.97 -13.03 -10.66
N ALA A 371 -5.00 -12.18 -10.71
CA ALA A 371 -5.05 -11.11 -11.70
C ALA A 371 -4.01 -10.04 -11.38
N MET A 372 -3.80 -9.13 -12.33
CA MET A 372 -2.78 -8.11 -12.21
C MET A 372 -3.30 -6.68 -12.29
N PHE A 373 -4.39 -6.43 -13.03
CA PHE A 373 -4.87 -5.08 -13.27
C PHE A 373 -6.17 -4.79 -12.54
N LYS A 374 -6.58 -5.63 -11.59
CA LYS A 374 -7.83 -5.40 -10.88
C LYS A 374 -7.70 -4.32 -9.81
N ASN A 375 -6.53 -4.20 -9.18
CA ASN A 375 -6.29 -3.23 -8.13
C ASN A 375 -5.89 -1.89 -8.74
N PRO A 376 -6.76 -0.88 -8.68
CA PRO A 376 -6.44 0.41 -9.33
C PRO A 376 -5.29 1.15 -8.68
N ALA A 377 -4.99 0.88 -7.41
CA ALA A 377 -3.90 1.59 -6.73
C ALA A 377 -2.55 1.10 -7.25
N GLU A 378 -2.24 -0.17 -7.03
CA GLU A 378 -1.00 -0.78 -7.54
C GLU A 378 -1.28 -1.34 -8.93
N ARG A 379 -0.73 -0.70 -9.95
CA ARG A 379 -0.97 -1.10 -11.33
C ARG A 379 0.13 -0.51 -12.18
N PRO A 380 0.60 -1.23 -13.21
CA PRO A 380 1.70 -0.71 -14.05
C PRO A 380 1.35 0.64 -14.65
N ARG A 381 2.19 1.64 -14.39
CA ARG A 381 1.93 3.01 -14.86
C ARG A 381 2.80 3.33 -16.08
N LYS A 382 4.03 2.82 -16.14
CA LYS A 382 4.87 3.06 -17.29
C LYS A 382 5.02 1.78 -18.12
N LEU A 383 5.50 1.95 -19.35
CA LEU A 383 5.51 0.85 -20.30
C LEU A 383 6.46 -0.25 -19.85
N HIS A 384 7.66 0.11 -19.37
CA HIS A 384 8.61 -0.90 -18.91
C HIS A 384 8.08 -1.65 -17.70
N GLU A 385 7.23 -1.00 -16.90
CA GLU A 385 6.56 -1.70 -15.80
C GLU A 385 5.54 -2.70 -16.33
N LEU A 386 4.80 -2.32 -17.37
CA LEU A 386 3.80 -3.22 -17.93
C LEU A 386 4.45 -4.45 -18.56
N SER A 387 5.55 -4.24 -19.30
CA SER A 387 6.22 -5.35 -19.95
C SER A 387 6.91 -6.26 -18.94
N SER A 388 7.55 -5.66 -17.92
CA SER A 388 8.17 -6.46 -16.88
C SER A 388 7.14 -7.25 -16.09
N ALA A 389 5.97 -6.65 -15.85
CA ALA A 389 4.92 -7.34 -15.12
C ALA A 389 4.34 -8.49 -15.95
N LEU A 390 4.09 -8.25 -17.23
CA LEU A 390 3.58 -9.29 -18.12
C LEU A 390 4.64 -10.28 -18.56
N GLU A 391 5.92 -9.99 -18.29
CA GLU A 391 7.03 -10.83 -18.75
C GLU A 391 7.03 -11.00 -20.26
N ILE A 392 6.55 -9.98 -20.97
CA ILE A 392 6.49 -10.00 -22.43
C ILE A 392 7.27 -8.80 -22.94
N PRO A 393 8.00 -8.91 -24.05
CA PRO A 393 8.78 -7.77 -24.54
C PRO A 393 7.88 -6.73 -25.17
N TYR A 394 8.50 -5.58 -25.48
CA TYR A 394 7.74 -4.43 -25.97
C TYR A 394 7.09 -4.72 -27.32
N ASP A 395 7.80 -5.44 -28.20
CA ASP A 395 7.26 -5.71 -29.53
C ASP A 395 6.13 -6.73 -29.50
N GLU A 396 5.99 -7.49 -28.43
CA GLU A 396 4.89 -8.44 -28.30
C GLU A 396 3.70 -7.87 -27.55
N LEU A 397 3.81 -6.64 -27.03
CA LEU A 397 2.68 -5.99 -26.39
C LEU A 397 1.59 -5.68 -27.41
N ARG A 398 0.34 -5.67 -26.94
CA ARG A 398 -0.82 -5.34 -27.77
C ARG A 398 -1.60 -4.26 -27.02
N LEU A 399 -1.17 -3.02 -27.21
CA LEU A 399 -1.75 -1.85 -26.54
C LEU A 399 -2.61 -1.08 -27.53
N ASN A 400 -3.88 -0.87 -27.18
CA ASN A 400 -4.78 -0.07 -27.97
C ASN A 400 -4.74 1.39 -27.51
N CYS A 401 -5.02 2.29 -28.44
CA CYS A 401 -5.09 3.71 -28.12
C CYS A 401 -6.30 3.99 -27.24
N VAL A 402 -6.11 4.83 -26.22
CA VAL A 402 -7.22 5.16 -25.32
C VAL A 402 -8.30 5.96 -26.05
N TYR A 403 -7.95 6.66 -27.14
CA TYR A 403 -8.90 7.47 -27.87
C TYR A 403 -9.59 6.70 -29.00
N CYS A 404 -8.80 6.14 -29.91
CA CYS A 404 -9.34 5.50 -31.12
C CYS A 404 -9.39 3.99 -31.04
N LYS A 405 -8.93 3.40 -29.93
CA LYS A 405 -8.93 1.95 -29.69
C LYS A 405 -8.16 1.17 -30.74
N GLY A 406 -7.30 1.82 -31.52
CA GLY A 406 -6.45 1.12 -32.47
C GLY A 406 -5.16 0.68 -31.79
N GLN A 407 -4.67 -0.48 -32.20
CA GLN A 407 -3.46 -1.03 -31.59
C GLN A 407 -2.23 -0.24 -32.01
N LEU A 408 -1.36 0.06 -31.04
CA LEU A 408 -0.13 0.78 -31.33
C LEU A 408 0.84 -0.10 -32.10
N THR A 409 1.63 0.53 -32.96
CA THR A 409 2.70 -0.15 -33.65
C THR A 409 3.94 -0.23 -32.76
N GLU A 410 4.96 -0.95 -33.24
CA GLU A 410 6.21 -1.06 -32.49
C GLU A 410 6.80 0.31 -32.22
N THR A 411 6.84 1.17 -33.24
CA THR A 411 7.43 2.50 -33.07
C THR A 411 6.58 3.37 -32.14
N GLU A 412 5.26 3.21 -32.16
CA GLU A 412 4.41 3.97 -31.26
C GLU A 412 4.56 3.50 -29.81
N VAL A 413 4.78 2.21 -29.61
CA VAL A 413 5.05 1.70 -28.27
C VAL A 413 6.36 2.25 -27.74
N LEU A 414 7.39 2.31 -28.59
CA LEU A 414 8.64 2.96 -28.22
C LEU A 414 8.44 4.43 -27.91
N ASP A 415 7.75 5.15 -28.81
CA ASP A 415 7.46 6.56 -28.59
C ASP A 415 6.71 6.78 -27.29
N PHE A 416 5.79 5.88 -26.96
CA PHE A 416 5.03 5.99 -25.72
C PHE A 416 5.97 5.96 -24.51
N ALA A 417 6.98 5.09 -24.55
CA ALA A 417 7.89 4.98 -23.41
C ALA A 417 8.85 6.17 -23.37
N PHE A 418 9.41 6.56 -24.51
CA PHE A 418 10.37 7.66 -24.53
C PHE A 418 9.71 8.99 -24.18
N THR A 419 8.44 9.15 -24.52
CA THR A 419 7.68 10.36 -24.18
C THR A 419 7.29 10.40 -22.70
N ASP A 420 7.55 9.32 -21.96
CA ASP A 420 7.20 9.21 -20.55
C ASP A 420 5.71 9.44 -20.34
N LEU A 421 4.92 8.62 -21.01
CA LEU A 421 3.47 8.62 -20.89
C LEU A 421 3.04 7.50 -19.96
N THR A 422 1.97 7.75 -19.20
CA THR A 422 1.48 6.81 -18.21
C THR A 422 0.38 5.93 -18.81
N ILE A 423 0.38 4.66 -18.45
CA ILE A 423 -0.62 3.73 -18.96
C ILE A 423 -1.99 4.10 -18.40
N VAL A 424 -3.00 4.10 -19.28
CA VAL A 424 -4.36 4.43 -18.92
C VAL A 424 -5.20 3.15 -18.95
N TYR A 425 -6.07 3.00 -17.96
CA TYR A 425 -6.85 1.79 -17.79
C TYR A 425 -8.32 2.05 -18.03
N ARG A 426 -8.94 1.20 -18.85
CA ARG A 426 -10.37 1.24 -19.12
C ARG A 426 -10.87 -0.20 -19.04
N ASP A 427 -11.88 -0.43 -18.18
CA ASP A 427 -12.38 -1.78 -17.91
C ASP A 427 -11.25 -2.70 -17.45
N ASP A 428 -10.36 -2.17 -16.60
CA ASP A 428 -9.23 -2.91 -16.04
C ASP A 428 -8.29 -3.41 -17.13
N THR A 429 -8.25 -2.72 -18.27
CA THR A 429 -7.41 -3.10 -19.39
C THR A 429 -6.43 -1.97 -19.71
N PRO A 430 -5.13 -2.24 -19.80
CA PRO A 430 -4.17 -1.16 -20.05
C PRO A 430 -4.29 -0.62 -21.47
N HIS A 431 -4.19 0.70 -21.59
CA HIS A 431 -4.25 1.39 -22.87
C HIS A 431 -3.08 2.36 -23.00
N GLY A 432 -2.76 2.70 -24.24
CA GLY A 432 -1.77 3.72 -24.51
C GLY A 432 -2.37 4.85 -25.32
N VAL A 433 -1.63 5.34 -26.31
CA VAL A 433 -2.12 6.39 -27.20
C VAL A 433 -1.27 6.35 -28.47
N CYS A 434 -1.94 6.50 -29.61
CA CYS A 434 -1.24 6.49 -30.89
C CYS A 434 -0.74 7.89 -31.23
N THR A 435 0.16 7.95 -32.23
CA THR A 435 0.79 9.21 -32.59
C THR A 435 -0.23 10.22 -33.09
N LYS A 436 -1.22 9.75 -33.87
CA LYS A 436 -2.24 10.65 -34.40
C LYS A 436 -3.06 11.26 -33.27
N CYS A 437 -3.56 10.43 -32.37
CA CYS A 437 -4.41 10.93 -31.29
C CYS A 437 -3.64 11.83 -30.33
N LEU A 438 -2.37 11.50 -30.07
CA LEU A 438 -1.59 12.27 -29.11
C LEU A 438 -1.38 13.70 -29.61
N ARG A 439 -0.84 13.85 -30.83
CA ARG A 439 -0.53 15.18 -31.34
C ARG A 439 -1.77 15.99 -31.65
N PHE A 440 -2.92 15.34 -31.85
CA PHE A 440 -4.15 16.07 -32.10
C PHE A 440 -4.68 16.71 -30.83
N TYR A 441 -4.93 15.90 -29.81
CA TYR A 441 -5.49 16.42 -28.57
C TYR A 441 -4.49 17.28 -27.80
N SER A 442 -3.20 17.14 -28.09
CA SER A 442 -2.23 18.10 -27.56
C SER A 442 -2.42 19.47 -28.20
N LYS A 443 -2.81 19.52 -29.46
CA LYS A 443 -3.09 20.80 -30.11
C LYS A 443 -4.48 21.32 -29.73
N VAL A 444 -5.45 20.41 -29.61
CA VAL A 444 -6.77 20.80 -29.10
C VAL A 444 -6.64 21.38 -27.69
N SER A 445 -5.73 20.82 -26.90
CA SER A 445 -5.51 21.33 -25.55
C SER A 445 -4.90 22.73 -25.57
N GLU A 446 -3.99 22.99 -26.52
CA GLU A 446 -3.41 24.32 -26.62
C GLU A 446 -4.45 25.34 -27.07
N PHE A 447 -5.34 24.93 -27.97
N PHE A 447 -5.36 24.95 -27.96
CA PHE A 447 -6.38 25.83 -28.48
CA PHE A 447 -6.35 25.89 -28.47
C PHE A 447 -7.36 26.23 -27.39
C PHE A 447 -7.53 26.11 -27.53
N ARG A 448 -7.65 25.31 -26.46
CA ARG A 448 -8.72 25.51 -25.48
C ARG A 448 -8.20 25.90 -24.10
N TRP A 449 -7.11 25.31 -23.64
CA TRP A 449 -6.68 25.46 -22.26
C TRP A 449 -5.34 26.20 -22.15
N TYR A 450 -5.07 27.11 -23.07
CA TYR A 450 -3.89 27.96 -22.97
C TYR A 450 -4.14 29.05 -21.93
N ARG A 451 -3.25 29.14 -20.94
CA ARG A 451 -3.36 30.14 -19.88
C ARG A 451 -2.46 31.34 -20.14
N TYR A 452 -1.14 31.13 -20.13
CA TYR A 452 -0.21 32.23 -20.31
C TYR A 452 1.15 31.67 -20.74
N SER A 453 2.04 32.59 -21.11
CA SER A 453 3.40 32.26 -21.49
C SER A 453 4.37 33.13 -20.71
N VAL A 454 5.57 32.61 -20.48
CA VAL A 454 6.54 33.30 -19.65
C VAL A 454 7.95 32.84 -20.05
N TYR A 455 8.93 33.70 -19.84
CA TYR A 455 10.31 33.34 -20.11
C TYR A 455 10.83 32.36 -19.07
N GLY A 456 11.79 31.53 -19.50
CA GLY A 456 12.38 30.57 -18.58
C GLY A 456 13.07 31.20 -17.40
N THR A 457 13.65 32.38 -17.61
CA THR A 457 14.28 33.09 -16.49
C THR A 457 13.24 33.57 -15.49
N THR A 458 12.07 34.02 -15.98
CA THR A 458 10.99 34.40 -15.08
C THR A 458 10.38 33.18 -14.41
N LEU A 459 10.28 32.07 -15.15
CA LEU A 459 9.67 30.85 -14.60
C LEU A 459 10.46 30.31 -13.42
N GLU A 460 11.78 30.51 -13.41
CA GLU A 460 12.59 30.07 -12.28
C GLU A 460 12.34 30.94 -11.06
N LYS A 461 12.31 32.26 -11.24
CA LYS A 461 12.20 33.17 -10.11
C LYS A 461 10.82 33.13 -9.47
N LEU A 462 9.82 32.59 -10.15
CA LEU A 462 8.47 32.52 -9.60
C LEU A 462 8.12 31.15 -9.03
N THR A 463 8.79 30.10 -9.47
CA THR A 463 8.69 28.79 -8.84
C THR A 463 9.82 28.52 -7.87
N ASN A 464 10.70 29.51 -7.66
CA ASN A 464 11.95 29.39 -6.91
C ASN A 464 12.59 28.02 -7.06
N LYS A 465 12.73 27.57 -8.31
CA LYS A 465 13.37 26.30 -8.60
C LYS A 465 14.09 26.41 -9.94
N GLY A 466 15.16 25.64 -10.09
CA GLY A 466 15.91 25.65 -11.33
C GLY A 466 15.10 25.11 -12.50
N ILE A 467 15.49 25.54 -13.70
CA ILE A 467 14.74 25.14 -14.90
C ILE A 467 14.88 23.65 -15.17
N SER A 468 16.03 23.06 -14.83
CA SER A 468 16.24 21.63 -15.05
C SER A 468 15.49 20.77 -14.05
N ASP A 469 14.86 21.38 -13.04
CA ASP A 469 14.06 20.65 -12.07
C ASP A 469 12.56 20.68 -12.39
N LEU A 470 12.13 21.58 -13.28
CA LEU A 470 10.74 21.66 -13.69
C LEU A 470 10.50 20.71 -14.86
N LEU A 471 9.39 19.97 -14.80
CA LEU A 471 8.99 19.07 -15.87
C LEU A 471 8.30 19.88 -16.96
N ILE A 472 8.94 20.00 -18.12
CA ILE A 472 8.42 20.76 -19.25
C ILE A 472 8.37 19.83 -20.45
N ARG A 473 7.17 19.62 -21.00
CA ARG A 473 6.96 18.75 -22.14
C ARG A 473 6.83 19.57 -23.42
N CYS A 474 6.98 18.89 -24.55
CA CYS A 474 6.87 19.56 -25.84
C CYS A 474 5.41 19.91 -26.11
N ILE A 475 5.16 21.14 -26.57
CA ILE A 475 3.79 21.60 -26.74
C ILE A 475 3.07 20.86 -27.86
N THR A 476 3.80 20.21 -28.76
CA THR A 476 3.20 19.51 -29.89
C THR A 476 3.32 18.00 -29.82
N CYS A 477 4.42 17.46 -29.28
CA CYS A 477 4.60 16.01 -29.21
C CYS A 477 4.71 15.49 -27.78
N GLN A 478 4.71 16.37 -26.77
CA GLN A 478 4.64 16.03 -25.35
C GLN A 478 5.89 15.35 -24.82
N ARG A 479 6.99 15.35 -25.57
CA ARG A 479 8.22 14.76 -25.07
C ARG A 479 8.82 15.66 -23.99
N PRO A 480 9.25 15.11 -22.86
CA PRO A 480 9.87 15.95 -21.82
C PRO A 480 11.16 16.58 -22.33
N LEU A 481 11.28 17.89 -22.14
CA LEU A 481 12.43 18.63 -22.65
C LEU A 481 13.67 18.28 -21.85
N SER A 482 14.76 18.01 -22.57
CA SER A 482 16.05 17.79 -21.92
C SER A 482 16.60 19.11 -21.40
N PRO A 483 17.56 19.07 -20.47
CA PRO A 483 18.17 20.32 -20.01
C PRO A 483 18.78 21.15 -21.13
N GLU A 484 19.22 20.50 -22.19
CA GLU A 484 19.80 21.21 -23.35
C GLU A 484 18.67 21.92 -24.10
N GLU A 485 17.51 21.30 -24.23
CA GLU A 485 16.36 21.90 -24.90
C GLU A 485 15.79 23.06 -24.08
N LYS A 486 15.83 22.96 -22.75
CA LYS A 486 15.39 24.05 -21.91
C LYS A 486 16.35 25.24 -22.02
N GLN A 487 17.66 24.98 -22.04
CA GLN A 487 18.63 26.04 -22.28
C GLN A 487 18.46 26.68 -23.64
N ARG A 488 17.81 25.96 -24.56
CA ARG A 488 17.56 26.46 -25.94
C ARG A 488 16.60 27.65 -25.85
N HIS A 489 15.57 27.53 -25.01
CA HIS A 489 14.60 28.62 -24.85
C HIS A 489 15.24 29.84 -24.21
N LEU A 490 16.15 29.62 -23.26
CA LEU A 490 16.77 30.73 -22.55
C LEU A 490 17.64 31.57 -23.48
N ASP A 491 18.49 30.91 -24.26
CA ASP A 491 19.40 31.64 -25.15
C ASP A 491 18.65 32.30 -26.29
N LYS A 492 17.66 31.60 -26.86
CA LYS A 492 16.89 32.14 -27.97
C LYS A 492 15.77 33.08 -27.54
N LYS A 493 15.57 33.26 -26.24
CA LYS A 493 14.53 34.14 -25.70
C LYS A 493 13.14 33.72 -26.21
N LYS A 494 12.87 32.42 -26.15
CA LYS A 494 11.57 31.86 -26.51
C LYS A 494 10.84 31.47 -25.24
N ARG A 495 9.63 31.99 -25.06
CA ARG A 495 8.88 31.74 -23.84
C ARG A 495 8.39 30.31 -23.77
N PHE A 496 8.21 29.82 -22.54
CA PHE A 496 7.47 28.59 -22.29
C PHE A 496 5.99 28.93 -22.16
N HIS A 497 5.16 27.91 -22.39
CA HIS A 497 3.72 28.11 -22.47
C HIS A 497 3.00 27.22 -21.47
N ASN A 498 2.03 27.80 -20.78
CA ASN A 498 1.24 27.10 -19.78
C ASN A 498 -0.09 26.69 -20.40
N ILE A 499 -0.29 25.39 -20.58
CA ILE A 499 -1.51 24.84 -21.15
C ILE A 499 -2.17 23.98 -20.09
N GLY A 500 -3.29 24.44 -19.56
CA GLY A 500 -4.02 23.69 -18.55
C GLY A 500 -3.24 23.45 -17.28
N GLY A 501 -2.41 24.42 -16.87
CA GLY A 501 -1.56 24.26 -15.71
C GLY A 501 -0.25 23.57 -15.97
N ARG A 502 -0.09 22.92 -17.13
CA ARG A 502 1.16 22.27 -17.49
C ARG A 502 2.03 23.23 -18.28
N TRP A 503 3.33 23.23 -17.97
CA TRP A 503 4.28 24.06 -18.70
C TRP A 503 4.83 23.30 -19.89
N THR A 504 4.90 23.97 -21.03
CA THR A 504 5.34 23.34 -22.27
C THR A 504 6.41 24.19 -22.96
N GLY A 505 7.15 23.54 -23.85
CA GLY A 505 8.13 24.20 -24.68
C GLY A 505 8.16 23.58 -26.07
N ARG A 506 9.34 23.50 -26.68
CA ARG A 506 9.50 22.87 -27.99
C ARG A 506 10.82 22.11 -28.02
N CYS A 507 10.76 20.83 -28.37
CA CYS A 507 11.95 20.00 -28.40
C CYS A 507 12.72 20.23 -29.70
N ILE A 508 13.83 19.50 -29.83
CA ILE A 508 14.70 19.66 -31.00
C ILE A 508 13.94 19.32 -32.28
N ALA A 509 13.11 18.28 -32.23
CA ALA A 509 12.41 17.80 -33.43
C ALA A 509 11.29 18.75 -33.84
N CYS A 510 10.60 19.35 -32.86
CA CYS A 510 9.46 20.23 -33.14
C CYS A 510 9.85 21.71 -33.17
N TRP A 511 11.15 22.01 -33.16
CA TRP A 511 11.57 23.41 -33.09
C TRP A 511 11.29 24.16 -34.38
N ARG A 512 11.44 23.50 -35.53
CA ARG A 512 11.19 24.12 -36.82
C ARG A 512 9.89 23.64 -37.47
N ARG A 513 9.70 22.32 -37.59
CA ARG A 513 8.59 21.73 -38.32
C ARG A 513 8.51 22.13 -39.79
N PRO A 514 9.42 21.62 -40.63
CA PRO A 514 9.57 22.13 -42.00
C PRO A 514 8.23 22.26 -42.71
N ARG A 515 8.16 23.23 -43.61
CA ARG A 515 6.90 23.64 -44.29
C ARG A 515 6.21 22.47 -45.01
N THR A 516 6.94 21.41 -45.33
CA THR A 516 6.35 20.35 -46.12
C THR A 516 5.23 19.61 -45.39
N GLU A 517 5.13 19.79 -44.08
CA GLU A 517 4.10 19.12 -43.29
C GLU A 517 2.84 19.99 -43.22
N THR A 518 1.72 19.33 -42.93
CA THR A 518 0.45 20.00 -42.74
C THR A 518 0.14 20.20 -41.27
N GLN A 519 -0.80 21.09 -41.01
CA GLN A 519 -1.21 21.27 -39.59
C GLN A 519 -2.02 20.05 -39.16
N VAL A 520 -1.96 19.79 -37.87
CA VAL A 520 -2.52 18.56 -37.32
C VAL A 520 -4.04 18.59 -37.45
N GLY A 521 -4.60 17.52 -38.00
CA GLY A 521 -6.04 17.40 -38.12
C GLY A 521 -6.54 15.98 -37.94
N SER A 522 -5.66 15.08 -37.53
CA SER A 522 -5.97 13.66 -37.44
C SER A 522 -6.62 13.32 -36.11
N SER A 523 -7.60 12.43 -36.15
CA SER A 523 -8.30 12.02 -34.92
C SER A 523 -8.73 10.56 -35.03
N GLY A 524 -7.75 9.67 -35.21
CA GLY A 524 -8.03 8.24 -35.29
C GLY A 524 -6.83 7.42 -35.70
N ALA A 535 -19.88 20.74 -23.32
CA ALA A 535 -18.49 21.07 -23.02
C ALA A 535 -17.55 20.16 -23.82
N ALA A 536 -17.79 18.85 -23.71
CA ALA A 536 -17.06 17.84 -24.49
C ALA A 536 -15.55 17.98 -24.32
N GLU A 537 -15.13 18.30 -23.09
CA GLU A 537 -13.71 18.38 -22.77
C GLU A 537 -13.14 17.05 -22.30
N SER A 538 -13.96 15.98 -22.29
CA SER A 538 -13.53 14.69 -21.77
C SER A 538 -12.21 14.22 -22.36
N SER A 539 -11.88 14.66 -23.57
CA SER A 539 -10.59 14.36 -24.15
C SER A 539 -9.45 15.02 -23.38
N GLU A 540 -9.71 16.19 -22.78
CA GLU A 540 -8.67 16.85 -22.00
C GLU A 540 -8.36 16.09 -20.72
N LEU A 541 -9.39 15.53 -20.07
CA LEU A 541 -9.15 14.72 -18.88
C LEU A 541 -8.40 13.43 -19.20
N THR A 542 -8.65 12.86 -20.38
CA THR A 542 -7.93 11.66 -20.79
C THR A 542 -6.47 11.97 -21.08
N LEU A 543 -6.21 13.13 -21.69
CA LEU A 543 -4.82 13.53 -21.96
C LEU A 543 -4.05 13.71 -20.67
N GLN A 544 -4.68 14.32 -19.66
CA GLN A 544 -3.99 14.56 -18.39
C GLN A 544 -3.64 13.25 -17.69
N GLU A 545 -4.45 12.21 -17.89
CA GLU A 545 -4.08 10.89 -17.38
C GLU A 545 -2.82 10.37 -18.03
N LEU A 546 -2.68 10.58 -19.35
CA LEU A 546 -1.51 10.08 -20.07
C LEU A 546 -0.24 10.76 -19.60
N LEU A 547 -0.34 12.00 -19.12
CA LEU A 547 0.82 12.78 -18.70
C LEU A 547 1.09 12.70 -17.21
N GLY A 548 0.25 12.00 -16.46
CA GLY A 548 0.36 12.00 -15.01
C GLY A 548 -0.65 12.95 -14.40
N GLU A 549 -1.67 12.40 -13.75
CA GLU A 549 -2.77 13.19 -13.19
C GLU A 549 -2.26 14.20 -12.16
N GLU A 550 -2.35 15.48 -12.49
CA GLU A 550 -1.86 16.53 -11.62
C GLU A 550 -2.78 16.72 -10.41
C1 GLC B . -2.53 -3.68 10.70
C2 GLC B . -1.62 -4.77 10.26
C3 GLC B . -1.38 -4.66 8.82
C4 GLC B . -2.75 -4.90 8.35
C5 GLC B . -3.62 -3.74 8.66
C6 GLC B . -4.99 -4.04 8.16
O1 GLC B . -1.96 -2.48 10.32
O2 GLC B . -0.38 -4.63 10.87
O3 GLC B . -0.54 -5.69 8.37
O4 GLC B . -2.66 -5.03 6.97
O5 GLC B . -3.76 -3.68 10.03
O6 GLC B . -5.66 -2.82 7.85
C1 GLC B . -2.58 -6.40 6.66
C2 GLC B . -1.31 -6.66 5.97
C3 GLC B . -1.27 -5.85 4.71
C4 GLC B . -2.54 -5.98 3.90
C5 GLC B . -3.76 -5.87 4.76
C6 GLC B . -5.08 -6.21 4.15
O2 GLC B . -0.32 -6.22 6.87
O3 GLC B . -0.17 -6.42 4.04
O4 GLC B . -2.62 -4.90 3.03
O5 GLC B . -3.60 -6.77 5.79
O6 GLC B . -6.07 -6.11 5.16
ZN ZN C . 8.31 17.74 -29.85
ZN ZN D . -5.60 6.69 -31.38
C1 GOL E . -1.53 -22.52 2.60
O1 GOL E . -1.51 -23.83 3.06
C2 GOL E . -0.93 -21.64 3.70
O2 GOL E . 0.30 -22.11 4.12
C3 GOL E . -0.84 -20.22 3.09
O3 GOL E . -2.03 -19.57 3.40
C1 GOL F . 12.23 31.70 -43.27
O1 GOL F . 11.97 33.03 -42.86
C2 GOL F . 13.27 31.01 -42.41
O2 GOL F . 13.03 29.60 -42.39
C3 GOL F . 14.68 31.33 -42.81
O3 GOL F . 15.36 30.23 -43.41
#